data_5MGF
#
_entry.id   5MGF
#
_cell.length_a   81.118
_cell.length_b   96.103
_cell.length_c   57.480
_cell.angle_alpha   90.000
_cell.angle_beta   90.000
_cell.angle_gamma   90.000
#
_symmetry.space_group_name_H-M   'C 2 2 21'
#
loop_
_entity.id
_entity.type
_entity.pdbx_description
1 polymer 'Bromodomain adjacent to zinc finger domain protein 2B'
2 non-polymer 'methyl 4-propanoyl-1~{H}-pyrrole-2-carboxylate'
3 water water
#
_entity_poly.entity_id   1
_entity_poly.type   'polypeptide(L)'
_entity_poly.pdbx_seq_one_letter_code
;SMSVKKPKRDDSKDLALCSMILTEMETHEDAWPFLLPVNLKLVPGYKKVIKKPMDFSTIREKLSSGQYPNLETFALDVRL
VFDNCETFNEDDSDIGRAGHNMRKYFEKKWTDTFKV
;
_entity_poly.pdbx_strand_id   A
#
# COMPACT_ATOMS: atom_id res chain seq x y z
N SER A 1 4.02 27.62 12.40
CA SER A 1 5.27 28.24 11.96
C SER A 1 6.27 28.21 13.09
N MET A 2 7.38 28.96 12.95
CA MET A 2 8.44 28.95 13.96
C MET A 2 7.90 29.26 15.35
N SER A 3 8.11 28.33 16.29
CA SER A 3 7.63 28.45 17.67
C SER A 3 6.10 28.53 17.79
N VAL A 4 5.39 28.14 16.74
CA VAL A 4 3.93 28.07 16.80
C VAL A 4 3.59 26.65 16.44
N LYS A 5 3.51 25.80 17.46
CA LYS A 5 3.33 24.38 17.23
CA LYS A 5 3.33 24.38 17.25
C LYS A 5 1.86 23.99 17.25
N LYS A 6 1.45 23.32 16.19
CA LYS A 6 0.13 22.78 16.08
C LYS A 6 0.06 21.56 16.99
N PRO A 7 -1.05 21.39 17.72
CA PRO A 7 -1.19 20.12 18.42
C PRO A 7 -1.17 19.00 17.39
N LYS A 8 -0.57 17.87 17.72
CA LYS A 8 -0.35 16.83 16.73
C LYS A 8 -0.66 15.46 17.34
N ARG A 9 -1.22 14.58 16.52
CA ARG A 9 -1.71 13.29 16.97
C ARG A 9 -0.58 12.42 17.53
N ASP A 10 -0.91 11.52 18.46
CA ASP A 10 0.08 10.58 18.97
C ASP A 10 0.45 9.57 17.88
N ASP A 11 1.74 9.48 17.56
CA ASP A 11 2.18 8.65 16.43
C ASP A 11 3.03 7.44 16.84
N SER A 12 3.12 7.20 18.15
CA SER A 12 3.95 6.12 18.70
C SER A 12 3.49 4.72 18.29
N LYS A 13 2.21 4.56 18.00
CA LYS A 13 1.67 3.25 17.63
C LYS A 13 1.58 3.05 16.11
N ASP A 14 1.97 4.06 15.33
CA ASP A 14 1.75 4.02 13.87
C ASP A 14 2.44 2.85 13.19
N LEU A 15 3.70 2.63 13.53
CA LEU A 15 4.49 1.55 12.93
C LEU A 15 3.80 0.21 13.15
N ALA A 16 3.43 -0.06 14.40
CA ALA A 16 2.76 -1.31 14.74
C ALA A 16 1.41 -1.44 14.04
N LEU A 17 0.64 -0.36 14.02
CA LEU A 17 -0.67 -0.37 13.37
C LEU A 17 -0.56 -0.58 11.84
N CYS A 18 0.42 0.06 11.22
CA CYS A 18 0.63 -0.14 9.78
C CYS A 18 1.01 -1.58 9.49
N SER A 19 1.87 -2.15 10.33
CA SER A 19 2.27 -3.55 10.19
C SER A 19 1.05 -4.47 10.30
N MET A 20 0.18 -4.17 11.27
CA MET A 20 -1.05 -4.93 11.44
C MET A 20 -1.95 -4.88 10.21
N ILE A 21 -2.18 -3.69 9.69
CA ILE A 21 -2.97 -3.51 8.47
C ILE A 21 -2.34 -4.27 7.30
N LEU A 22 -1.03 -4.18 7.17
CA LEU A 22 -0.33 -4.84 6.08
C LEU A 22 -0.48 -6.35 6.21
N THR A 23 -0.49 -6.86 7.44
CA THR A 23 -0.69 -8.29 7.65
C THR A 23 -2.09 -8.71 7.19
N GLU A 24 -3.08 -7.90 7.52
CA GLU A 24 -4.44 -8.15 7.07
C GLU A 24 -4.52 -8.12 5.52
N MET A 25 -3.78 -7.22 4.90
CA MET A 25 -3.69 -7.20 3.43
C MET A 25 -3.07 -8.49 2.89
N GLU A 26 -1.92 -8.86 3.44
CA GLU A 26 -1.18 -10.05 3.02
C GLU A 26 -2.00 -11.32 3.12
N THR A 27 -2.88 -11.41 4.12
CA THR A 27 -3.63 -12.65 4.35
C THR A 27 -5.01 -12.66 3.67
N HIS A 28 -5.38 -11.55 3.04
CA HIS A 28 -6.62 -11.49 2.26
C HIS A 28 -6.54 -12.47 1.09
N GLU A 29 -7.64 -13.13 0.77
CA GLU A 29 -7.57 -14.16 -0.27
C GLU A 29 -7.29 -13.56 -1.66
N ASP A 30 -7.64 -12.29 -1.86
CA ASP A 30 -7.37 -11.64 -3.15
C ASP A 30 -6.02 -10.90 -3.17
N ALA A 31 -5.16 -11.22 -2.22
CA ALA A 31 -3.83 -10.57 -2.15
C ALA A 31 -2.82 -11.16 -3.15
N TRP A 32 -3.13 -12.34 -3.70
CA TRP A 32 -2.14 -13.08 -4.48
C TRP A 32 -1.48 -12.29 -5.64
N PRO A 33 -2.22 -11.37 -6.33
CA PRO A 33 -1.48 -10.68 -7.40
C PRO A 33 -0.41 -9.70 -6.87
N PHE A 34 -0.46 -9.38 -5.59
CA PHE A 34 0.29 -8.25 -5.03
C PHE A 34 1.33 -8.65 -3.98
N LEU A 35 1.49 -9.94 -3.74
CA LEU A 35 2.36 -10.40 -2.67
C LEU A 35 3.82 -10.17 -3.02
N LEU A 36 4.16 -10.34 -4.30
CA LEU A 36 5.55 -10.27 -4.76
C LEU A 36 5.66 -9.30 -5.93
N PRO A 37 6.87 -8.76 -6.19
CA PRO A 37 7.06 -7.92 -7.38
C PRO A 37 6.61 -8.64 -8.65
N VAL A 38 5.95 -7.92 -9.56
CA VAL A 38 5.67 -8.46 -10.88
C VAL A 38 7.01 -8.86 -11.50
N ASN A 39 7.05 -10.03 -12.15
CA ASN A 39 8.29 -10.51 -12.78
C ASN A 39 8.51 -9.77 -14.09
N LEU A 40 9.45 -8.83 -14.09
CA LEU A 40 9.62 -7.91 -15.20
C LEU A 40 10.19 -8.56 -16.45
N LYS A 41 10.55 -9.82 -16.33
CA LYS A 41 11.07 -10.55 -17.45
C LYS A 41 10.06 -11.55 -17.98
N LEU A 42 8.99 -11.79 -17.27
CA LEU A 42 7.94 -12.71 -17.70
C LEU A 42 6.70 -11.97 -18.14
N VAL A 43 6.58 -10.70 -17.74
CA VAL A 43 5.37 -9.95 -18.02
C VAL A 43 5.66 -8.81 -18.97
N PRO A 44 5.21 -8.96 -20.23
CA PRO A 44 5.39 -8.00 -21.32
C PRO A 44 4.70 -6.68 -21.01
N GLY A 45 5.36 -5.57 -21.33
CA GLY A 45 4.78 -4.26 -21.07
C GLY A 45 5.12 -3.67 -19.71
N TYR A 46 5.23 -4.51 -18.68
CA TYR A 46 5.19 -4.00 -17.30
C TYR A 46 6.29 -3.00 -17.00
N LYS A 47 7.53 -3.35 -17.32
CA LYS A 47 8.66 -2.51 -17.03
C LYS A 47 8.51 -1.10 -17.64
N LYS A 48 8.13 -1.02 -18.91
CA LYS A 48 8.04 0.26 -19.59
C LYS A 48 6.83 1.07 -19.15
N VAL A 49 5.72 0.39 -18.90
CA VAL A 49 4.47 1.07 -18.64
C VAL A 49 4.37 1.54 -17.19
N ILE A 50 4.85 0.71 -16.27
CA ILE A 50 4.66 1.01 -14.84
C ILE A 50 5.93 1.60 -14.29
N LYS A 51 5.93 2.91 -14.10
CA LYS A 51 7.16 3.63 -13.77
C LYS A 51 7.65 3.35 -12.34
N LYS A 52 6.72 3.09 -11.42
CA LYS A 52 7.09 2.78 -10.04
C LYS A 52 6.35 1.54 -9.57
N PRO A 53 6.94 0.36 -9.82
CA PRO A 53 6.33 -0.88 -9.36
C PRO A 53 6.33 -0.94 -7.84
N MET A 54 5.30 -1.54 -7.27
CA MET A 54 5.22 -1.69 -5.82
C MET A 54 4.39 -2.93 -5.52
N ASP A 55 4.72 -3.59 -4.42
CA ASP A 55 4.02 -4.81 -4.00
C ASP A 55 4.11 -4.96 -2.49
N PHE A 56 3.30 -5.86 -1.92
CA PHE A 56 3.24 -5.97 -0.47
C PHE A 56 4.59 -6.36 0.16
N SER A 57 5.35 -7.24 -0.48
CA SER A 57 6.62 -7.69 0.10
C SER A 57 7.63 -6.54 0.17
N THR A 58 7.62 -5.68 -0.84
CA THR A 58 8.48 -4.50 -0.86
C THR A 58 8.04 -3.49 0.21
N ILE A 59 6.73 -3.32 0.35
CA ILE A 59 6.20 -2.48 1.43
C ILE A 59 6.59 -3.05 2.79
N ARG A 60 6.48 -4.37 2.96
CA ARG A 60 6.82 -5.02 4.22
C ARG A 60 8.31 -4.79 4.56
N GLU A 61 9.16 -4.91 3.55
CA GLU A 61 10.59 -4.69 3.72
C GLU A 61 10.91 -3.24 4.09
N LYS A 62 10.31 -2.29 3.38
CA LYS A 62 10.49 -0.88 3.70
C LYS A 62 9.96 -0.55 5.10
N LEU A 63 8.83 -1.14 5.48
CA LEU A 63 8.25 -0.88 6.80
C LEU A 63 9.16 -1.43 7.91
N SER A 64 9.70 -2.62 7.68
CA SER A 64 10.52 -3.32 8.65
C SER A 64 11.91 -2.69 8.80
N SER A 65 12.28 -1.82 7.88
CA SER A 65 13.65 -1.27 7.85
C SER A 65 13.64 0.26 7.95
N GLY A 66 12.53 0.82 8.46
CA GLY A 66 12.45 2.24 8.74
C GLY A 66 12.52 3.15 7.53
N GLN A 67 12.04 2.66 6.40
CA GLN A 67 12.07 3.48 5.20
C GLN A 67 10.78 4.29 4.96
N TYR A 68 9.79 4.17 5.84
CA TYR A 68 8.66 5.10 5.83
C TYR A 68 8.82 6.17 6.92
N PRO A 69 8.93 7.44 6.52
CA PRO A 69 9.06 8.55 7.49
C PRO A 69 7.79 8.73 8.34
N ASN A 70 6.64 8.43 7.76
CA ASN A 70 5.37 8.63 8.44
C ASN A 70 4.28 7.74 7.83
N LEU A 71 3.10 7.70 8.44
CA LEU A 71 2.08 6.79 7.94
C LEU A 71 1.58 7.18 6.56
N GLU A 72 1.65 8.46 6.22
CA GLU A 72 1.20 8.90 4.89
C GLU A 72 2.07 8.34 3.77
N THR A 73 3.38 8.22 4.00
CA THR A 73 4.22 7.66 2.96
C THR A 73 3.94 6.18 2.80
N PHE A 74 3.56 5.53 3.89
CA PHE A 74 3.12 4.13 3.84
C PHE A 74 1.85 4.00 2.99
N ALA A 75 0.86 4.84 3.25
CA ALA A 75 -0.41 4.78 2.50
C ALA A 75 -0.17 5.06 1.01
N LEU A 76 0.77 5.95 0.70
CA LEU A 76 1.11 6.25 -0.69
C LEU A 76 1.60 5.01 -1.42
N ASP A 77 2.50 4.24 -0.81
CA ASP A 77 2.97 3.00 -1.43
C ASP A 77 1.86 1.97 -1.58
N VAL A 78 1.00 1.82 -0.56
CA VAL A 78 -0.09 0.87 -0.67
C VAL A 78 -1.01 1.28 -1.84
N ARG A 79 -1.34 2.56 -1.92
CA ARG A 79 -2.25 3.03 -2.99
C ARG A 79 -1.57 2.87 -4.36
N LEU A 80 -0.25 3.05 -4.38
CA LEU A 80 0.51 2.87 -5.62
C LEU A 80 0.35 1.45 -6.17
N VAL A 81 0.34 0.45 -5.28
CA VAL A 81 0.08 -0.92 -5.69
C VAL A 81 -1.22 -0.99 -6.51
N PHE A 82 -2.27 -0.37 -6.00
CA PHE A 82 -3.59 -0.50 -6.65
C PHE A 82 -3.75 0.43 -7.86
N ASP A 83 -3.08 1.58 -7.83
CA ASP A 83 -3.02 2.46 -9.00
C ASP A 83 -2.28 1.77 -10.16
N ASN A 84 -1.16 1.12 -9.87
CA ASN A 84 -0.47 0.35 -10.90
C ASN A 84 -1.38 -0.72 -11.48
N CYS A 85 -2.11 -1.39 -10.59
CA CYS A 85 -2.94 -2.51 -10.99
C CYS A 85 -4.02 -2.04 -11.96
N GLU A 86 -4.58 -0.86 -11.68
CA GLU A 86 -5.63 -0.30 -12.54
C GLU A 86 -5.07 0.15 -13.88
N THR A 87 -3.85 0.65 -13.86
CA THR A 87 -3.17 1.09 -15.07
C THR A 87 -2.94 -0.07 -16.04
N PHE A 88 -2.59 -1.23 -15.49
CA PHE A 88 -2.14 -2.35 -16.32
C PHE A 88 -3.21 -3.37 -16.63
N ASN A 89 -4.29 -3.38 -15.86
CA ASN A 89 -5.29 -4.44 -15.96
C ASN A 89 -6.68 -3.92 -16.21
N GLU A 90 -7.42 -4.65 -17.03
CA GLU A 90 -8.84 -4.37 -17.22
C GLU A 90 -9.59 -4.53 -15.91
N ASP A 91 -10.56 -3.64 -15.65
CA ASP A 91 -11.44 -3.78 -14.47
C ASP A 91 -12.11 -5.15 -14.46
N ASP A 92 -12.48 -5.63 -15.64
CA ASP A 92 -13.16 -6.91 -15.80
C ASP A 92 -12.14 -8.02 -16.05
N SER A 93 -11.17 -8.12 -15.16
CA SER A 93 -10.22 -9.24 -15.13
C SER A 93 -10.10 -9.68 -13.68
N ASP A 94 -9.59 -10.88 -13.46
CA ASP A 94 -9.41 -11.37 -12.09
C ASP A 94 -8.49 -10.46 -11.29
N ILE A 95 -7.35 -10.09 -11.89
CA ILE A 95 -6.40 -9.23 -11.22
C ILE A 95 -7.00 -7.83 -11.03
N GLY A 96 -7.67 -7.33 -12.07
CA GLY A 96 -8.33 -6.03 -11.99
C GLY A 96 -9.34 -5.98 -10.84
N ARG A 97 -10.20 -6.98 -10.79
CA ARG A 97 -11.17 -7.14 -9.71
C ARG A 97 -10.48 -7.18 -8.36
N ALA A 98 -9.44 -7.99 -8.27
CA ALA A 98 -8.68 -8.13 -7.02
C ALA A 98 -8.18 -6.79 -6.53
N GLY A 99 -7.68 -5.97 -7.45
CA GLY A 99 -7.15 -4.67 -7.09
C GLY A 99 -8.21 -3.79 -6.48
N HIS A 100 -9.37 -3.71 -7.13
CA HIS A 100 -10.45 -2.90 -6.61
C HIS A 100 -10.82 -3.38 -5.23
N ASN A 101 -10.95 -4.70 -5.07
CA ASN A 101 -11.36 -5.28 -3.80
C ASN A 101 -10.37 -4.94 -2.69
N MET A 102 -9.07 -5.07 -3.00
CA MET A 102 -8.03 -4.83 -2.00
C MET A 102 -7.91 -3.35 -1.65
N ARG A 103 -8.20 -2.48 -2.62
CA ARG A 103 -8.14 -1.05 -2.36
C ARG A 103 -9.23 -0.68 -1.37
N LYS A 104 -10.42 -1.21 -1.61
CA LYS A 104 -11.54 -0.95 -0.75
C LYS A 104 -11.25 -1.47 0.63
N TYR A 105 -10.67 -2.65 0.70
CA TYR A 105 -10.35 -3.30 1.96
C TYR A 105 -9.35 -2.46 2.75
N PHE A 106 -8.35 -1.91 2.04
CA PHE A 106 -7.33 -1.07 2.69
C PHE A 106 -7.91 0.21 3.25
N GLU A 107 -8.71 0.89 2.43
CA GLU A 107 -9.16 2.23 2.80
C GLU A 107 -10.10 2.17 4.00
N LYS A 108 -10.85 1.08 4.14
CA LYS A 108 -11.71 0.97 5.32
C LYS A 108 -10.86 0.76 6.57
N LYS A 109 -9.88 -0.13 6.47
CA LYS A 109 -8.98 -0.39 7.59
C LYS A 109 -8.20 0.86 7.95
N TRP A 110 -7.84 1.63 6.93
CA TRP A 110 -7.12 2.88 7.14
C TRP A 110 -7.98 3.85 7.93
N THR A 111 -9.21 4.06 7.46
CA THR A 111 -10.15 4.96 8.12
C THR A 111 -10.45 4.52 9.54
N ASP A 112 -10.72 3.23 9.71
CA ASP A 112 -11.10 2.71 11.01
C ASP A 112 -9.94 2.74 12.00
N THR A 113 -8.72 2.64 11.50
CA THR A 113 -7.55 2.59 12.37
C THR A 113 -7.06 3.98 12.78
N PHE A 114 -7.13 4.95 11.87
CA PHE A 114 -6.47 6.23 12.10
C PHE A 114 -7.41 7.44 12.11
N LYS A 115 -8.47 7.40 11.30
CA LYS A 115 -9.43 8.50 11.32
C LYS A 115 -10.30 8.39 12.57
N VAL A 116 -9.67 8.56 13.73
CA VAL A 116 -10.27 8.38 15.05
C VAL A 116 -11.22 7.16 15.11
#